data_5P91
#
_entry.id   5P91
#
_cell.length_a   49.964
_cell.length_b   53.762
_cell.length_c   80.861
_cell.angle_alpha   90.000
_cell.angle_beta   90.000
_cell.angle_gamma   90.000
#
_symmetry.space_group_name_H-M   'P 21 21 21'
#
loop_
_entity.id
_entity.type
_entity.pdbx_description
1 polymer 'Catechol O-methyltransferase'
2 non-polymer 'MAGNESIUM ION'
3 non-polymer 'CHLORIDE ION'
4 non-polymer '2-[N-CYCLOHEXYLAMINO]ETHANE SULFONIC ACID'
5 non-polymer 'SULFATE ION'
6 non-polymer 5-(4-fluorophenyl)-2,3-dihydroxy-N-[2-[5-(2-methylpyridin-4-yl)-4H-1,2,4-triazol-3-yl]ethyl]benzamide
7 water water
#
_entity_poly.entity_id   1
_entity_poly.type   'polypeptide(L)'
_entity_poly.pdbx_seq_one_letter_code
;MGDTKEQRILRYVQQNAKPGDPQSVLEAIDTYCTQKEWAMNVGDAKGQIMDAVIREYSPSLVLELGAYCGYSAVRMARLL
QPGARLLTMEINPDCAAITQQMLNFAGLQDKVTILNGASQDLIPQLKKKYDVDTLDMVFLDHWKDRYLPDTLLLEKCGLL
RKGTVLLADNVIVPGTPDFLAYVRGSSSFECTHYSSYLEYMKVVDGLEKAIYQGPSSPDKS
;
_entity_poly.pdbx_strand_id   A
#
loop_
_chem_comp.id
_chem_comp.type
_chem_comp.name
_chem_comp.formula
76B non-polymer 5-(4-fluorophenyl)-2,3-dihydroxy-N-[2-[5-(2-methylpyridin-4-yl)-4H-1,2,4-triazol-3-yl]ethyl]benzamide 'C23 H20 F N5 O3'
CL non-polymer 'CHLORIDE ION' 'Cl -1'
MG non-polymer 'MAGNESIUM ION' 'Mg 2'
NHE non-polymer '2-[N-CYCLOHEXYLAMINO]ETHANE SULFONIC ACID' 'C8 H17 N O3 S'
SO4 non-polymer 'SULFATE ION' 'O4 S -2'
#
# COMPACT_ATOMS: atom_id res chain seq x y z
N ASP A 3 1.99 9.47 -24.24
CA ASP A 3 1.74 9.45 -22.78
C ASP A 3 2.43 8.26 -22.13
N THR A 4 2.24 8.09 -20.84
CA THR A 4 2.90 7.03 -20.12
C THR A 4 1.92 5.86 -19.87
N LYS A 5 2.47 4.73 -19.48
CA LYS A 5 1.69 3.59 -19.07
CA LYS A 5 1.69 3.59 -19.07
C LYS A 5 0.69 3.97 -17.97
N GLU A 6 1.13 4.77 -17.01
CA GLU A 6 0.29 5.12 -15.88
C GLU A 6 -0.89 5.98 -16.33
N GLN A 7 -0.64 6.91 -17.26
CA GLN A 7 -1.72 7.68 -17.84
CA GLN A 7 -1.72 7.69 -17.87
C GLN A 7 -2.70 6.79 -18.61
N ARG A 8 -2.16 5.79 -19.30
CA ARG A 8 -3.02 4.88 -20.05
C ARG A 8 -3.89 4.07 -19.11
N ILE A 9 -3.34 3.68 -17.95
CA ILE A 9 -4.14 2.94 -16.98
C ILE A 9 -5.28 3.84 -16.47
N LEU A 10 -4.97 5.06 -16.11
CA LEU A 10 -5.98 5.99 -15.61
C LEU A 10 -7.09 6.21 -16.65
N ARG A 11 -6.68 6.44 -17.89
CA ARG A 11 -7.65 6.66 -18.94
CA ARG A 11 -7.67 6.65 -18.93
C ARG A 11 -8.54 5.43 -19.12
N TYR A 12 -7.95 4.23 -19.08
CA TYR A 12 -8.71 3.03 -19.21
C TYR A 12 -9.73 2.92 -18.10
N VAL A 13 -9.36 3.22 -16.86
CA VAL A 13 -10.31 3.18 -15.77
C VAL A 13 -11.45 4.18 -16.05
N GLN A 14 -11.11 5.40 -16.42
CA GLN A 14 -12.10 6.42 -16.64
C GLN A 14 -13.09 6.01 -17.73
N GLN A 15 -12.67 5.20 -18.69
CA GLN A 15 -13.49 4.83 -19.82
C GLN A 15 -14.10 3.44 -19.72
N ASN A 16 -13.78 2.70 -18.66
CA ASN A 16 -14.22 1.31 -18.54
C ASN A 16 -14.71 0.95 -17.14
N ALA A 17 -14.75 1.90 -16.23
CA ALA A 17 -15.28 1.70 -14.89
C ALA A 17 -16.40 2.73 -14.65
N LYS A 18 -17.06 2.59 -13.52
CA LYS A 18 -18.18 3.44 -13.15
C LYS A 18 -17.73 4.40 -12.08
N PRO A 19 -17.88 5.72 -12.30
CA PRO A 19 -17.50 6.65 -11.24
C PRO A 19 -18.16 6.29 -9.95
N GLY A 20 -17.39 6.35 -8.88
CA GLY A 20 -17.89 6.09 -7.57
C GLY A 20 -18.02 4.64 -7.20
N ASP A 21 -17.50 3.73 -8.04
CA ASP A 21 -17.64 2.29 -7.83
C ASP A 21 -16.22 1.71 -7.71
N PRO A 22 -15.66 1.63 -6.50
CA PRO A 22 -14.29 1.15 -6.37
C PRO A 22 -14.04 -0.22 -6.95
N GLN A 23 -14.96 -1.14 -6.78
CA GLN A 23 -14.76 -2.47 -7.30
C GLN A 23 -14.57 -2.43 -8.81
N SER A 24 -15.37 -1.64 -9.53
CA SER A 24 -15.22 -1.53 -10.98
C SER A 24 -13.86 -0.94 -11.36
N VAL A 25 -13.34 -0.03 -10.54
CA VAL A 25 -12.01 0.53 -10.75
C VAL A 25 -10.93 -0.54 -10.65
N LEU A 26 -10.98 -1.36 -9.60
CA LEU A 26 -10.02 -2.45 -9.44
C LEU A 26 -10.09 -3.41 -10.60
N GLU A 27 -11.30 -3.77 -11.00
CA GLU A 27 -11.47 -4.70 -12.10
C GLU A 27 -10.91 -4.15 -13.38
N ALA A 28 -11.13 -2.87 -13.65
CA ALA A 28 -10.62 -2.24 -14.87
C ALA A 28 -9.09 -2.23 -14.87
N ILE A 29 -8.47 -1.89 -13.75
CA ILE A 29 -7.02 -1.87 -13.69
C ILE A 29 -6.48 -3.29 -13.94
N ASP A 30 -7.05 -4.29 -13.28
CA ASP A 30 -6.57 -5.66 -13.42
C ASP A 30 -6.75 -6.17 -14.86
N THR A 31 -7.86 -5.81 -15.50
CA THR A 31 -8.08 -6.17 -16.89
C THR A 31 -7.03 -5.55 -17.78
N TYR A 32 -6.81 -4.26 -17.63
CA TYR A 32 -5.85 -3.59 -18.46
C TYR A 32 -4.46 -4.22 -18.28
N CYS A 33 -4.09 -4.50 -17.04
CA CYS A 33 -2.74 -4.97 -16.78
C CYS A 33 -2.54 -6.42 -17.13
N THR A 34 -3.60 -7.17 -17.28
CA THR A 34 -3.56 -8.55 -17.74
C THR A 34 -3.53 -8.62 -19.27
N GLN A 35 -4.30 -7.76 -19.91
CA GLN A 35 -4.50 -7.84 -21.35
C GLN A 35 -3.67 -6.89 -22.18
N LYS A 36 -3.25 -5.77 -21.61
CA LYS A 36 -2.59 -4.74 -22.38
C LYS A 36 -1.15 -4.55 -21.95
N GLU A 37 -0.93 -4.10 -20.72
CA GLU A 37 0.42 -3.77 -20.26
C GLU A 37 0.58 -4.12 -18.79
N TRP A 38 1.57 -4.92 -18.43
CA TRP A 38 1.88 -5.20 -17.02
C TRP A 38 2.18 -3.92 -16.28
N ALA A 39 1.77 -3.84 -15.03
CA ALA A 39 2.22 -2.74 -14.18
C ALA A 39 2.28 -3.22 -12.73
N MET A 40 3.06 -2.50 -11.94
CA MET A 40 3.38 -2.93 -10.57
CA MET A 40 3.37 -2.94 -10.57
C MET A 40 2.28 -2.62 -9.54
N ASN A 41 1.02 -2.83 -9.91
CA ASN A 41 -0.06 -2.75 -8.92
C ASN A 41 0.00 -4.04 -8.07
N VAL A 42 -0.55 -4.04 -6.87
CA VAL A 42 -0.45 -5.24 -6.04
CA VAL A 42 -0.51 -5.23 -6.03
C VAL A 42 -1.20 -6.40 -6.72
N GLY A 43 -2.25 -6.10 -7.49
CA GLY A 43 -3.00 -7.10 -8.26
C GLY A 43 -4.05 -7.78 -7.41
N ASP A 44 -4.83 -8.62 -8.09
CA ASP A 44 -5.94 -9.27 -7.47
C ASP A 44 -5.58 -10.43 -6.54
N ALA A 45 -4.56 -11.22 -6.85
CA ALA A 45 -4.20 -12.38 -6.02
C ALA A 45 -3.73 -11.90 -4.65
N LYS A 46 -2.74 -11.02 -4.61
CA LYS A 46 -2.29 -10.46 -3.37
C LYS A 46 -3.33 -9.51 -2.79
N GLY A 47 -4.09 -8.84 -3.64
CA GLY A 47 -5.13 -7.94 -3.19
C GLY A 47 -6.20 -8.62 -2.36
N GLN A 48 -6.55 -9.86 -2.72
CA GLN A 48 -7.51 -10.63 -1.92
C GLN A 48 -6.98 -10.89 -0.52
N ILE A 49 -5.68 -11.15 -0.40
CA ILE A 49 -5.06 -11.34 0.92
C ILE A 49 -5.12 -10.03 1.70
N MET A 50 -4.78 -8.91 1.05
CA MET A 50 -4.88 -7.62 1.69
CA MET A 50 -4.87 -7.61 1.66
C MET A 50 -6.28 -7.37 2.20
N ASP A 51 -7.29 -7.67 1.40
CA ASP A 51 -8.68 -7.44 1.79
C ASP A 51 -8.98 -8.22 3.07
N ALA A 52 -8.55 -9.47 3.15
CA ALA A 52 -8.81 -10.30 4.31
C ALA A 52 -8.14 -9.73 5.56
N VAL A 53 -6.93 -9.21 5.41
CA VAL A 53 -6.25 -8.54 6.53
C VAL A 53 -6.94 -7.26 6.97
N ILE A 54 -7.34 -6.41 6.02
CA ILE A 54 -8.00 -5.16 6.35
C ILE A 54 -9.30 -5.48 7.08
N ARG A 55 -10.05 -6.48 6.62
CA ARG A 55 -11.31 -6.82 7.26
CA ARG A 55 -11.31 -6.81 7.28
C ARG A 55 -11.08 -7.35 8.68
N GLU A 56 -10.01 -8.10 8.90
CA GLU A 56 -9.75 -8.64 10.22
C GLU A 56 -9.48 -7.53 11.23
N TYR A 57 -8.72 -6.53 10.84
CA TYR A 57 -8.21 -5.51 11.76
C TYR A 57 -9.03 -4.22 11.78
N SER A 58 -9.84 -3.98 10.75
CA SER A 58 -10.63 -2.73 10.60
CA SER A 58 -10.64 -2.77 10.64
C SER A 58 -9.88 -1.52 11.10
N PRO A 59 -8.70 -1.25 10.52
CA PRO A 59 -7.87 -0.16 11.03
C PRO A 59 -8.55 1.20 10.85
N SER A 60 -8.37 2.07 11.83
CA SER A 60 -8.85 3.45 11.74
C SER A 60 -7.90 4.39 10.99
N LEU A 61 -6.60 4.13 11.05
CA LEU A 61 -5.60 4.95 10.41
C LEU A 61 -4.55 4.03 9.81
N VAL A 62 -4.45 4.09 8.49
CA VAL A 62 -3.52 3.30 7.72
C VAL A 62 -2.52 4.24 7.05
N LEU A 63 -1.24 3.86 7.05
CA LEU A 63 -0.21 4.51 6.23
C LEU A 63 0.18 3.55 5.13
N GLU A 64 0.20 4.01 3.89
CA GLU A 64 0.75 3.28 2.77
C GLU A 64 2.03 3.97 2.30
N LEU A 65 3.07 3.18 2.14
CA LEU A 65 4.33 3.64 1.55
C LEU A 65 4.39 3.13 0.11
N GLY A 66 4.24 4.06 -0.85
N GLY A 66 4.24 4.06 -0.83
CA GLY A 66 4.32 3.73 -2.28
CA GLY A 66 4.25 3.74 -2.24
C GLY A 66 3.00 3.49 -3.04
C GLY A 66 2.81 3.58 -2.66
N ALA A 67 2.28 4.57 -3.37
CA ALA A 67 0.93 4.49 -3.93
C ALA A 67 0.87 3.94 -5.34
N TYR A 68 1.86 4.33 -6.16
CA TYR A 68 1.92 4.04 -7.59
C TYR A 68 0.74 4.72 -8.32
N CYS A 69 -0.25 3.97 -8.78
CA CYS A 69 -1.43 4.52 -9.44
C CYS A 69 -2.66 4.50 -8.57
N GLY A 70 -2.54 4.08 -7.32
CA GLY A 70 -3.65 4.10 -6.41
C GLY A 70 -4.43 2.82 -6.31
N TYR A 71 -3.96 1.73 -6.93
CA TYR A 71 -4.72 0.51 -6.87
C TYR A 71 -4.92 0.01 -5.45
N SER A 72 -3.82 -0.07 -4.71
CA SER A 72 -3.91 -0.55 -3.33
CA SER A 72 -3.91 -0.55 -3.34
C SER A 72 -4.65 0.42 -2.44
N ALA A 73 -4.51 1.72 -2.70
CA ALA A 73 -5.24 2.71 -1.94
C ALA A 73 -6.76 2.59 -2.16
N VAL A 74 -7.17 2.32 -3.39
CA VAL A 74 -8.56 2.03 -3.66
C VAL A 74 -8.98 0.73 -2.94
N ARG A 75 -8.14 -0.31 -3.02
CA ARG A 75 -8.48 -1.54 -2.43
CA ARG A 75 -8.46 -1.61 -2.38
C ARG A 75 -8.70 -1.42 -0.91
N MET A 76 -7.77 -0.72 -0.23
CA MET A 76 -7.91 -0.56 1.20
C MET A 76 -8.99 0.42 1.59
N ALA A 77 -9.04 1.58 0.95
CA ALA A 77 -9.98 2.60 1.35
C ALA A 77 -11.41 2.16 1.16
N ARG A 78 -11.69 1.32 0.17
CA ARG A 78 -13.08 0.87 -0.05
C ARG A 78 -13.58 -0.01 1.10
N LEU A 79 -12.69 -0.58 1.91
CA LEU A 79 -13.06 -1.45 3.01
C LEU A 79 -12.95 -0.76 4.37
N LEU A 80 -12.48 0.47 4.41
CA LEU A 80 -12.42 1.20 5.67
C LEU A 80 -13.81 1.61 6.17
N GLN A 81 -13.97 1.64 7.48
CA GLN A 81 -15.22 2.00 8.12
C GLN A 81 -15.39 3.50 7.96
N PRO A 82 -16.64 3.99 8.09
CA PRO A 82 -16.84 5.44 8.01
C PRO A 82 -15.95 6.18 9.02
N GLY A 83 -15.31 7.23 8.54
CA GLY A 83 -14.42 8.02 9.37
C GLY A 83 -12.97 7.56 9.40
N ALA A 84 -12.71 6.31 9.03
CA ALA A 84 -11.32 5.81 9.03
C ALA A 84 -10.59 6.44 7.84
N ARG A 85 -9.26 6.47 7.91
CA ARG A 85 -8.45 7.24 6.98
C ARG A 85 -7.19 6.51 6.55
N LEU A 86 -6.79 6.79 5.33
CA LEU A 86 -5.56 6.31 4.74
C LEU A 86 -4.71 7.49 4.37
N LEU A 87 -3.43 7.45 4.75
CA LEU A 87 -2.41 8.37 4.24
C LEU A 87 -1.53 7.54 3.32
N THR A 88 -1.26 8.00 2.12
CA THR A 88 -0.39 7.27 1.21
CA THR A 88 -0.40 7.29 1.18
C THR A 88 0.67 8.19 0.63
N MET A 89 1.87 7.70 0.57
CA MET A 89 3.03 8.45 0.14
C MET A 89 3.49 7.92 -1.23
N GLU A 90 3.79 8.84 -2.13
CA GLU A 90 4.29 8.51 -3.45
C GLU A 90 5.39 9.46 -3.87
N ILE A 91 6.54 8.91 -4.22
CA ILE A 91 7.71 9.74 -4.52
C ILE A 91 7.64 10.34 -5.94
N ASN A 92 7.00 9.66 -6.87
CA ASN A 92 6.96 10.14 -8.24
C ASN A 92 5.79 11.11 -8.41
N PRO A 93 6.04 12.38 -8.76
CA PRO A 93 4.96 13.35 -8.77
C PRO A 93 3.89 13.00 -9.82
N ASP A 94 4.31 12.47 -10.96
CA ASP A 94 3.34 12.11 -11.99
C ASP A 94 2.40 11.02 -11.49
N CYS A 95 2.96 10.04 -10.77
CA CYS A 95 2.17 8.97 -10.19
C CYS A 95 1.31 9.48 -9.02
N ALA A 96 1.80 10.43 -8.24
CA ALA A 96 0.98 11.00 -7.22
C ALA A 96 -0.28 11.64 -7.81
N ALA A 97 -0.12 12.37 -8.90
CA ALA A 97 -1.26 12.98 -9.56
C ALA A 97 -2.20 11.90 -10.14
N ILE A 98 -1.66 10.84 -10.72
CA ILE A 98 -2.54 9.77 -11.16
CA ILE A 98 -2.49 9.71 -11.18
C ILE A 98 -3.30 9.15 -10.01
N THR A 99 -2.63 8.87 -8.91
CA THR A 99 -3.30 8.31 -7.73
C THR A 99 -4.44 9.21 -7.26
N GLN A 100 -4.19 10.51 -7.20
CA GLN A 100 -5.25 11.44 -6.76
C GLN A 100 -6.45 11.32 -7.68
N GLN A 101 -6.21 11.33 -8.97
CA GLN A 101 -7.28 11.23 -9.94
C GLN A 101 -8.01 9.87 -9.87
N MET A 102 -7.25 8.80 -9.59
CA MET A 102 -7.83 7.48 -9.45
C MET A 102 -8.79 7.46 -8.26
N LEU A 103 -8.34 8.00 -7.14
CA LEU A 103 -9.17 8.05 -5.95
C LEU A 103 -10.39 8.91 -6.15
N ASN A 104 -10.23 10.03 -6.84
CA ASN A 104 -11.35 10.92 -7.15
C ASN A 104 -12.36 10.13 -7.99
N PHE A 105 -11.91 9.42 -9.02
CA PHE A 105 -12.83 8.68 -9.86
C PHE A 105 -13.59 7.64 -9.04
N ALA A 106 -12.87 6.96 -8.15
CA ALA A 106 -13.47 5.94 -7.32
C ALA A 106 -14.42 6.48 -6.25
N GLY A 107 -14.40 7.78 -5.97
CA GLY A 107 -15.24 8.39 -4.94
C GLY A 107 -14.68 8.25 -3.55
N LEU A 108 -13.38 7.99 -3.44
CA LEU A 108 -12.72 7.70 -2.14
C LEU A 108 -11.85 8.84 -1.65
N GLN A 109 -11.94 9.97 -2.31
CA GLN A 109 -11.03 11.06 -2.02
C GLN A 109 -11.17 11.64 -0.61
N ASP A 110 -12.34 11.50 0.01
CA ASP A 110 -12.50 12.02 1.38
CA ASP A 110 -12.57 11.96 1.37
C ASP A 110 -11.83 11.13 2.42
N LYS A 111 -11.51 9.90 2.06
CA LYS A 111 -10.90 8.95 2.97
C LYS A 111 -9.38 8.91 2.91
N VAL A 112 -8.82 9.45 1.85
CA VAL A 112 -7.42 9.26 1.53
C VAL A 112 -6.70 10.57 1.33
N THR A 113 -5.50 10.69 1.87
CA THR A 113 -4.64 11.82 1.62
C THR A 113 -3.41 11.29 0.93
N ILE A 114 -3.08 11.84 -0.22
CA ILE A 114 -2.01 11.33 -1.06
C ILE A 114 -0.94 12.36 -0.91
N LEU A 115 0.19 11.98 -0.34
CA LEU A 115 1.31 12.85 -0.22
C LEU A 115 2.38 12.54 -1.23
N ASN A 116 2.88 13.59 -1.88
CA ASN A 116 3.96 13.46 -2.83
C ASN A 116 5.31 13.75 -2.16
N GLY A 117 6.18 12.75 -2.00
CA GLY A 117 7.53 12.92 -1.42
C GLY A 117 8.15 11.56 -1.05
N ALA A 118 9.40 11.58 -0.57
CA ALA A 118 10.12 10.37 -0.15
C ALA A 118 9.74 10.01 1.28
N SER A 119 9.58 8.71 1.53
CA SER A 119 9.24 8.21 2.85
C SER A 119 10.18 8.70 3.95
N GLN A 120 11.46 8.77 3.68
CA GLN A 120 12.42 9.17 4.71
CA GLN A 120 12.39 9.16 4.75
C GLN A 120 12.24 10.62 5.14
N ASP A 121 11.71 11.45 4.22
CA ASP A 121 11.45 12.86 4.50
C ASP A 121 10.09 13.08 5.14
N LEU A 122 9.09 12.31 4.68
CA LEU A 122 7.72 12.52 5.13
C LEU A 122 7.38 11.84 6.47
N ILE A 123 7.94 10.66 6.73
CA ILE A 123 7.63 9.95 7.99
C ILE A 123 7.86 10.82 9.23
N PRO A 124 9.02 11.53 9.28
CA PRO A 124 9.25 12.40 10.45
C PRO A 124 8.28 13.57 10.63
N GLN A 125 7.49 13.87 9.60
CA GLN A 125 6.50 14.94 9.66
C GLN A 125 5.12 14.48 10.02
N LEU A 126 4.89 13.17 10.07
CA LEU A 126 3.54 12.65 10.32
C LEU A 126 2.88 13.15 11.62
N LYS A 127 3.61 13.14 12.71
CA LYS A 127 3.03 13.58 13.98
C LYS A 127 2.64 15.05 14.03
N LYS A 128 3.59 15.94 13.79
CA LYS A 128 3.34 17.38 13.93
C LYS A 128 2.56 18.00 12.76
N LYS A 129 2.77 17.52 11.53
CA LYS A 129 2.12 18.11 10.35
C LYS A 129 0.78 17.45 9.98
N TYR A 130 0.69 16.13 10.14
CA TYR A 130 -0.53 15.41 9.80
C TYR A 130 -1.29 14.90 11.01
N ASP A 131 -0.90 15.38 12.19
CA ASP A 131 -1.58 15.11 13.47
C ASP A 131 -1.82 13.62 13.70
N VAL A 132 -0.82 12.82 13.35
CA VAL A 132 -0.86 11.39 13.62
C VAL A 132 -0.36 11.17 15.05
N ASP A 133 -1.06 10.33 15.80
CA ASP A 133 -0.54 9.80 17.05
C ASP A 133 0.19 8.50 16.74
N THR A 134 -0.52 7.37 16.62
CA THR A 134 0.06 6.13 16.20
C THR A 134 -0.74 5.53 15.06
N LEU A 135 -0.08 4.67 14.29
CA LEU A 135 -0.71 4.04 13.14
C LEU A 135 -1.30 2.69 13.53
N ASP A 136 -2.45 2.35 12.95
CA ASP A 136 -3.02 1.03 13.15
C ASP A 136 -2.45 0.00 12.20
N MET A 137 -2.09 0.43 11.00
CA MET A 137 -1.61 -0.46 9.98
CA MET A 137 -1.60 -0.46 9.98
C MET A 137 -0.70 0.32 9.04
N VAL A 138 0.32 -0.35 8.53
CA VAL A 138 1.24 0.22 7.52
C VAL A 138 1.33 -0.78 6.39
N PHE A 139 1.10 -0.33 5.17
CA PHE A 139 1.29 -1.15 3.98
C PHE A 139 2.58 -0.68 3.31
N LEU A 140 3.57 -1.56 3.26
CA LEU A 140 4.86 -1.25 2.65
CA LEU A 140 4.87 -1.26 2.66
C LEU A 140 4.92 -1.76 1.24
N ASP A 141 5.06 -0.82 0.30
CA ASP A 141 5.05 -1.14 -1.13
C ASP A 141 5.87 -0.18 -1.94
N HIS A 142 6.92 0.37 -1.32
CA HIS A 142 7.74 1.38 -1.92
C HIS A 142 9.07 0.76 -2.31
N TRP A 143 10.16 1.53 -2.33
CA TRP A 143 11.42 0.95 -2.69
CA TRP A 143 11.49 0.98 -2.64
C TRP A 143 11.81 -0.18 -1.73
N LYS A 144 12.20 -1.31 -2.28
CA LYS A 144 12.34 -2.51 -1.46
C LYS A 144 13.47 -2.39 -0.44
N ASP A 145 14.51 -1.65 -0.81
CA ASP A 145 15.66 -1.23 0.05
CA ASP A 145 15.60 -1.44 0.17
C ASP A 145 15.25 -0.41 1.24
N ARG A 146 14.04 0.15 1.22
CA ARG A 146 13.62 1.08 2.26
CA ARG A 146 13.61 1.09 2.26
C ARG A 146 12.69 0.43 3.28
N TYR A 147 12.26 -0.83 3.07
CA TYR A 147 11.33 -1.42 4.02
C TYR A 147 11.94 -1.46 5.42
N LEU A 148 13.19 -1.94 5.55
CA LEU A 148 13.80 -2.03 6.85
C LEU A 148 14.11 -0.66 7.45
N PRO A 149 14.83 0.22 6.74
CA PRO A 149 15.09 1.55 7.35
C PRO A 149 13.82 2.30 7.74
N ASP A 150 12.76 2.23 6.92
CA ASP A 150 11.56 2.95 7.25
C ASP A 150 10.80 2.33 8.39
N THR A 151 10.85 0.99 8.56
CA THR A 151 10.26 0.39 9.75
C THR A 151 10.95 0.92 11.01
N LEU A 152 12.28 0.98 10.96
CA LEU A 152 13.06 1.47 12.09
C LEU A 152 12.78 2.95 12.36
N LEU A 153 12.60 3.72 11.30
CA LEU A 153 12.26 5.12 11.43
C LEU A 153 10.88 5.35 12.00
N LEU A 154 9.90 4.55 11.56
CA LEU A 154 8.57 4.61 12.17
C LEU A 154 8.64 4.39 13.65
N GLU A 155 9.39 3.38 14.07
CA GLU A 155 9.54 3.12 15.50
C GLU A 155 10.22 4.29 16.22
N LYS A 156 11.28 4.83 15.66
CA LYS A 156 12.00 5.93 16.25
C LYS A 156 11.07 7.12 16.47
N CYS A 157 10.23 7.37 15.48
CA CYS A 157 9.30 8.50 15.52
C CYS A 157 8.10 8.29 16.43
N GLY A 158 7.99 7.14 17.06
CA GLY A 158 6.89 6.86 17.97
C GLY A 158 5.56 6.63 17.29
N LEU A 159 5.59 6.16 16.05
CA LEU A 159 4.38 5.98 15.24
C LEU A 159 3.79 4.60 15.35
N LEU A 160 4.52 3.66 15.96
CA LEU A 160 4.01 2.30 16.15
C LEU A 160 3.47 2.11 17.56
N ARG A 161 2.44 1.30 17.71
CA ARG A 161 1.90 0.92 19.02
C ARG A 161 1.85 -0.58 19.09
N LYS A 162 1.61 -1.13 20.27
CA LYS A 162 1.38 -2.54 20.39
C LYS A 162 0.19 -2.93 19.52
N GLY A 163 0.42 -3.90 18.63
CA GLY A 163 -0.60 -4.34 17.70
C GLY A 163 -0.57 -3.66 16.36
N THR A 164 0.24 -2.63 16.11
CA THR A 164 0.29 -2.09 14.74
C THR A 164 0.65 -3.18 13.76
N VAL A 165 -0.12 -3.27 12.68
CA VAL A 165 0.08 -4.29 11.66
C VAL A 165 0.92 -3.75 10.52
N LEU A 166 2.11 -4.30 10.30
CA LEU A 166 2.84 -4.02 9.07
C LEU A 166 2.49 -5.10 8.06
N LEU A 167 2.15 -4.72 6.84
CA LEU A 167 1.86 -5.65 5.76
C LEU A 167 2.76 -5.24 4.61
N ALA A 168 3.63 -6.14 4.16
CA ALA A 168 4.69 -5.80 3.21
C ALA A 168 4.48 -6.56 1.90
N ASP A 169 4.40 -5.84 0.79
CA ASP A 169 4.34 -6.46 -0.52
C ASP A 169 5.72 -6.87 -0.99
N ASN A 170 5.80 -7.82 -1.91
CA ASN A 170 7.01 -8.08 -2.69
C ASN A 170 8.15 -8.63 -1.87
N VAL A 171 7.85 -9.36 -0.80
CA VAL A 171 8.92 -9.82 0.05
C VAL A 171 9.72 -10.91 -0.63
N ILE A 172 9.18 -11.55 -1.67
CA ILE A 172 9.89 -12.54 -2.47
C ILE A 172 10.41 -11.93 -3.79
N VAL A 173 9.56 -11.24 -4.55
CA VAL A 173 9.96 -10.63 -5.83
C VAL A 173 9.42 -9.19 -5.83
N PRO A 174 10.29 -8.18 -5.96
CA PRO A 174 11.76 -8.27 -6.08
C PRO A 174 12.45 -8.80 -4.84
N GLY A 175 11.78 -8.80 -3.69
CA GLY A 175 12.38 -9.34 -2.47
C GLY A 175 12.86 -8.24 -1.57
N THR A 176 12.77 -8.51 -0.27
CA THR A 176 13.21 -7.57 0.76
CA THR A 176 13.16 -7.57 0.80
C THR A 176 13.92 -8.36 1.86
N PRO A 177 15.10 -8.89 1.51
CA PRO A 177 15.72 -9.88 2.39
C PRO A 177 16.12 -9.34 3.76
N ASP A 178 16.61 -8.12 3.82
CA ASP A 178 17.01 -7.57 5.11
C ASP A 178 15.80 -7.35 6.02
N PHE A 179 14.72 -6.78 5.48
CA PHE A 179 13.48 -6.61 6.22
C PHE A 179 12.98 -7.92 6.75
N LEU A 180 12.90 -8.94 5.91
CA LEU A 180 12.35 -10.22 6.33
C LEU A 180 13.18 -10.84 7.43
N ALA A 181 14.51 -10.86 7.28
CA ALA A 181 15.36 -11.40 8.30
C ALA A 181 15.14 -10.65 9.59
N TYR A 182 15.08 -9.33 9.51
CA TYR A 182 14.97 -8.54 10.71
C TYR A 182 13.66 -8.81 11.44
N VAL A 183 12.52 -8.66 10.76
CA VAL A 183 11.28 -8.82 11.50
C VAL A 183 11.11 -10.24 11.98
N ARG A 184 11.52 -11.21 11.18
CA ARG A 184 11.35 -12.61 11.61
C ARG A 184 12.26 -12.95 12.79
N GLY A 185 13.38 -12.24 12.95
CA GLY A 185 14.31 -12.49 14.03
C GLY A 185 14.08 -11.66 15.26
N SER A 186 13.16 -10.71 15.21
CA SER A 186 12.97 -9.76 16.27
C SER A 186 11.83 -10.16 17.19
N SER A 187 12.07 -10.10 18.50
CA SER A 187 11.02 -10.29 19.51
CA SER A 187 10.99 -10.36 19.46
C SER A 187 9.98 -9.20 19.50
N SER A 188 10.25 -8.10 18.82
CA SER A 188 9.29 -7.01 18.72
C SER A 188 8.27 -7.19 17.63
N PHE A 189 8.34 -8.29 16.86
CA PHE A 189 7.39 -8.53 15.80
C PHE A 189 6.90 -9.96 15.83
N GLU A 190 5.61 -10.16 15.56
CA GLU A 190 5.05 -11.48 15.33
CA GLU A 190 5.03 -11.48 15.33
C GLU A 190 4.69 -11.55 13.84
N CYS A 191 5.32 -12.46 13.13
CA CYS A 191 5.27 -12.50 11.66
C CYS A 191 4.51 -13.69 11.12
N THR A 192 3.88 -13.47 9.99
CA THR A 192 3.18 -14.46 9.22
C THR A 192 3.43 -14.19 7.76
N HIS A 193 3.73 -15.23 6.99
CA HIS A 193 3.92 -15.13 5.56
C HIS A 193 2.71 -15.65 4.81
N TYR A 194 2.25 -14.88 3.83
CA TYR A 194 1.13 -15.24 2.99
C TYR A 194 1.66 -15.44 1.58
N SER A 195 1.81 -16.70 1.17
CA SER A 195 2.37 -16.98 -0.14
C SER A 195 1.33 -16.68 -1.20
N SER A 196 1.77 -16.08 -2.32
CA SER A 196 0.88 -15.75 -3.40
C SER A 196 1.67 -15.68 -4.69
N TYR A 197 1.27 -14.75 -5.56
CA TYR A 197 1.88 -14.58 -6.87
C TYR A 197 2.10 -13.13 -7.16
N LEU A 198 3.19 -12.86 -7.87
CA LEU A 198 3.45 -11.54 -8.41
C LEU A 198 2.28 -11.12 -9.25
N GLU A 199 1.91 -9.86 -9.14
CA GLU A 199 0.79 -9.32 -9.87
C GLU A 199 0.87 -9.71 -11.33
N TYR A 200 -0.24 -10.26 -11.81
CA TYR A 200 -0.48 -10.54 -13.23
C TYR A 200 0.45 -11.59 -13.81
N MET A 201 1.18 -12.35 -12.98
CA MET A 201 2.22 -13.27 -13.45
CA MET A 201 2.14 -13.31 -13.47
C MET A 201 2.13 -14.58 -12.70
N LYS A 202 2.59 -15.62 -13.36
CA LYS A 202 2.74 -16.92 -12.73
C LYS A 202 4.15 -17.02 -12.15
N VAL A 203 4.44 -16.19 -11.17
CA VAL A 203 5.71 -16.11 -10.48
C VAL A 203 5.34 -16.00 -9.01
N VAL A 204 5.93 -16.83 -8.15
CA VAL A 204 5.64 -16.78 -6.72
C VAL A 204 6.10 -15.46 -6.13
N ASP A 205 5.23 -14.88 -5.31
CA ASP A 205 5.60 -13.74 -4.46
C ASP A 205 4.89 -13.92 -3.14
N GLY A 206 4.86 -12.95 -2.25
CA GLY A 206 4.12 -13.10 -1.03
C GLY A 206 4.08 -11.81 -0.28
N LEU A 207 3.15 -11.75 0.66
CA LEU A 207 3.06 -10.68 1.63
C LEU A 207 3.58 -11.14 2.97
N GLU A 208 4.23 -10.28 3.72
CA GLU A 208 4.58 -10.56 5.10
C GLU A 208 3.76 -9.67 6.01
N LYS A 209 3.09 -10.26 6.99
CA LYS A 209 2.46 -9.50 8.07
C LYS A 209 3.39 -9.54 9.25
N ALA A 210 3.70 -8.39 9.82
CA ALA A 210 4.57 -8.29 10.99
C ALA A 210 3.86 -7.39 11.99
N ILE A 211 3.39 -7.98 13.08
CA ILE A 211 2.65 -7.24 14.09
C ILE A 211 3.61 -6.74 15.14
N TYR A 212 3.66 -5.44 15.34
CA TYR A 212 4.57 -4.85 16.31
C TYR A 212 4.08 -5.14 17.73
N GLN A 213 5.03 -5.55 18.56
CA GLN A 213 4.77 -5.97 19.96
C GLN A 213 5.23 -4.95 20.98
N GLY A 214 5.77 -3.81 20.60
CA GLY A 214 6.36 -2.89 21.61
C GLY A 214 7.84 -3.21 21.74
N PRO A 215 8.60 -2.45 22.57
CA PRO A 215 10.05 -2.72 22.76
C PRO A 215 10.37 -4.11 23.33
MG MG B . 4.36 -4.02 -4.89
CL CL C . -0.79 -0.82 -5.99
CL CL D . -2.98 -10.83 -10.02
C3' NHE E . -2.75 16.34 -6.38
C2' NHE E . -2.80 16.50 -4.87
C1' NHE E . -2.15 15.44 -4.01
C6' NHE E . -0.76 15.17 -4.46
N NHE E . -1.90 15.81 -2.63
C1 NHE E . -2.84 16.21 -1.62
C2 NHE E . -2.23 16.21 -0.23
S NHE E . -2.01 17.70 0.48
O1 NHE E . -0.73 18.34 0.02
O2 NHE E . -3.20 18.66 0.33
O3 NHE E . -1.49 17.20 1.80
C5' NHE E . -0.66 14.95 -5.97
C4' NHE E . -1.32 16.00 -6.80
S SO4 F . -16.36 9.17 5.84
O1 SO4 F . -16.25 10.07 4.68
O2 SO4 F . -17.72 8.67 6.06
O3 SO4 F . -15.98 9.92 7.07
O4 SO4 F . -15.37 8.05 5.78
N3 76B G . 6.41 5.19 -4.51
N3 76B G . 10.08 4.48 -5.43
C6 76B G . 6.46 -3.29 -6.75
C6 76B G . 6.47 -3.33 -6.75
C7 76B G . 8.32 -3.48 -8.27
C7 76B G . 8.36 -3.55 -8.27
C8 76B G . 6.89 3.18 -5.23
C8 76B G . 8.70 2.87 -5.85
C10 76B G . 7.84 -4.70 -8.74
C10 76B G . 7.84 -4.73 -8.75
C13 76B G . 8.15 5.51 -2.77
C13 76B G . 9.17 5.37 -3.32
C15 76B G . 6.85 1.89 -6.05
C15 76B G . 8.12 1.65 -6.55
C17 76B G . 7.44 6.41 -1.98
C17 76B G . 10.40 5.68 -2.72
C20 76B G . 8.48 -6.86 -9.81
C20 76B G . 8.48 -6.89 -9.82
C21 76B G . 9.26 -4.82 -10.80
C21 76B G . 9.26 -4.84 -10.81
C22 76B G . 8.09 7.11 -0.99
C22 76B G . 10.35 6.44 -1.56
C26 76B G . 9.79 -6.93 -11.79
C26 76B G . 9.80 -6.95 -11.79
C28 76B G . 9.87 -5.56 -11.80
C28 76B G . 9.87 -5.58 -11.81
C1 76B G . 7.66 -2.76 -7.27
C1 76B G . 7.68 -2.84 -7.28
C2 76B G . 7.44 4.78 -3.83
C2 76B G . 9.17 4.49 -4.50
N4 76B G . 7.77 3.53 -4.29
N4 76B G . 8.28 3.47 -4.73
N5 76B G . 6.12 4.24 -5.33
N5 76B G . 9.77 3.49 -6.21
C9 76B G . 8.23 -1.44 -6.84
C9 76B G . 8.33 -1.61 -6.84
C11 76B G . 5.94 -4.49 -7.23
C11 76B G . 5.94 -4.50 -7.24
C12 76B G . 6.64 -5.19 -8.22
C12 76B G . 6.62 -5.20 -8.23
C14 76B G . 8.54 -5.47 -9.80
C14 76B G . 8.54 -5.49 -9.81
N16 76B G . 9.39 6.96 -0.79
N16 76B G . 9.21 6.84 -1.00
O18 76B G . 9.32 -1.05 -7.27
O18 76B G . 9.46 -1.32 -7.25
N19 76B G . 7.48 -0.60 -6.10
N19 76B G . 7.70 -0.76 -6.06
O23 76B G . 5.76 -2.68 -5.74
O23 76B G . 5.78 -2.69 -5.73
O24 76B G . 4.78 -4.96 -6.71
O24 76B G . 4.76 -4.95 -6.73
C25 76B G . 7.84 0.75 -5.60
C25 76B G . 8.41 0.44 -5.64
C27 76B G . 10.10 6.13 -1.52
C27 76B G . 8.05 6.52 -1.55
C29 76B G . 9.12 -7.59 -10.79
C29 76B G . 9.12 -7.61 -10.79
F30 76B G . 10.40 -7.68 -12.75
F30 76B G . 10.40 -7.70 -12.74
C31 76B G . 9.51 5.39 -2.51
C31 76B G . 7.99 5.75 -2.70
C32 76B G . 7.26 8.07 -0.22
C32 76B G . 11.66 6.79 -0.92
#